data_6YXE
#
_entry.id   6YXE
#
_cell.length_a   109.965
_cell.length_b   109.965
_cell.length_c   90.135
_cell.angle_alpha   90.000
_cell.angle_beta   90.000
_cell.angle_gamma   120.000
#
_symmetry.space_group_name_H-M   'H 3 2'
#
loop_
_entity.id
_entity.type
_entity.pdbx_description
1 polymer 'E3 ubiquitin-protein ligase TRIM69'
2 non-polymer 'ZINC ION'
3 water water
#
_entity_poly.entity_id   1
_entity_poly.type   'polypeptide(L)'
_entity_poly.pdbx_seq_one_letter_code
;HHHHHHSAALEVLFQGPGMEVSTNPSSNIDPGDYVEMNDSITHLPSKVVIQDITMELHCPLCNDWFRDPLMLSCGHNFCE
ACIQDFWRLQAKETFCPECKMLCQYNNCTFNPVLDKLVEKIKKLPLLK
;
_entity_poly.pdbx_strand_id   A,B
#
loop_
_chem_comp.id
_chem_comp.type
_chem_comp.name
_chem_comp.formula
ZN non-polymer 'ZINC ION' 'Zn 2'
#
# COMPACT_ATOMS: atom_id res chain seq x y z
N SER A 40 21.61 9.75 20.17
CA SER A 40 22.46 10.67 19.37
C SER A 40 22.64 12.04 20.06
N ILE A 41 23.85 12.59 19.96
CA ILE A 41 24.26 13.81 20.66
C ILE A 41 24.75 14.88 19.67
N THR A 42 24.31 14.78 18.42
CA THR A 42 24.68 15.77 17.40
C THR A 42 23.50 16.71 17.11
N HIS A 43 23.81 17.99 16.89
CA HIS A 43 22.84 18.96 16.36
C HIS A 43 22.37 18.50 14.96
N LEU A 44 21.09 18.73 14.64
CA LEU A 44 20.51 18.32 13.34
C LEU A 44 19.88 19.50 12.61
N PRO A 45 19.96 19.55 11.25
CA PRO A 45 19.27 20.61 10.50
C PRO A 45 17.77 20.60 10.77
N SER A 46 17.15 21.77 10.97
CA SER A 46 15.72 21.85 11.29
C SER A 46 14.83 21.04 10.36
N LYS A 47 15.12 21.15 9.07
CA LYS A 47 14.36 20.48 8.05
C LYS A 47 14.50 18.96 8.13
N VAL A 48 15.72 18.52 8.45
CA VAL A 48 15.97 17.11 8.67
C VAL A 48 15.16 16.60 9.87
N VAL A 49 15.08 17.38 10.93
CA VAL A 49 14.32 16.93 12.11
C VAL A 49 12.83 16.82 11.76
N ILE A 50 12.31 17.80 11.03
CA ILE A 50 10.88 17.75 10.67
C ILE A 50 10.63 16.52 9.83
N GLN A 51 11.47 16.30 8.83
CA GLN A 51 11.37 15.11 8.00
C GLN A 51 11.45 13.81 8.81
N ASP A 52 12.36 13.73 9.79
CA ASP A 52 12.44 12.53 10.66
C ASP A 52 11.16 12.30 11.43
N ILE A 53 10.65 13.37 12.01
CA ILE A 53 9.36 13.29 12.71
C ILE A 53 8.23 12.82 11.82
N THR A 54 8.22 13.34 10.60
CA THR A 54 7.21 12.98 9.60
C THR A 54 7.31 11.52 9.20
N MET A 55 8.51 10.99 8.99
CA MET A 55 8.72 9.56 8.70
C MET A 55 8.13 8.72 9.84
N GLU A 56 8.30 9.14 11.09
CA GLU A 56 7.75 8.39 12.24
C GLU A 56 6.25 8.41 12.30
N LEU A 57 5.59 9.33 11.60
CA LEU A 57 4.14 9.41 11.60
C LEU A 57 3.53 8.85 10.31
N HIS A 58 4.36 8.16 9.53
CA HIS A 58 3.93 7.44 8.31
C HIS A 58 3.93 5.95 8.55
N CYS A 59 2.84 5.31 8.12
CA CYS A 59 2.66 3.87 8.18
C CYS A 59 3.64 3.20 7.20
N PRO A 60 4.44 2.22 7.67
CA PRO A 60 5.34 1.55 6.71
C PRO A 60 4.68 0.64 5.68
N LEU A 61 3.45 0.22 5.91
CA LEU A 61 2.74 -0.62 4.93
C LEU A 61 2.23 0.21 3.75
N CYS A 62 1.56 1.33 4.01
CA CYS A 62 1.00 2.15 2.92
C CYS A 62 1.85 3.37 2.56
N ASN A 63 2.81 3.74 3.40
CA ASN A 63 3.68 4.91 3.17
C ASN A 63 2.88 6.25 3.14
N ASP A 64 1.73 6.26 3.82
CA ASP A 64 0.92 7.44 4.01
C ASP A 64 0.84 7.70 5.49
N TRP A 65 0.22 8.83 5.88
CA TRP A 65 0.03 9.17 7.28
C TRP A 65 -0.72 8.07 8.00
N PHE A 66 -0.34 7.74 9.22
CA PHE A 66 -1.17 6.81 10.02
C PHE A 66 -2.61 7.24 10.02
N ARG A 67 -3.53 6.29 9.78
CA ARG A 67 -4.96 6.48 9.96
C ARG A 67 -5.49 5.34 10.86
N ASP A 68 -6.07 5.70 12.02
CA ASP A 68 -6.48 4.74 13.07
C ASP A 68 -5.39 3.68 13.35
N PRO A 69 -4.19 4.13 13.70
CA PRO A 69 -3.08 3.23 13.88
C PRO A 69 -3.32 2.28 15.03
N LEU A 70 -2.94 1.03 14.82
CA LEU A 70 -2.88 0.02 15.85
C LEU A 70 -1.43 -0.17 16.17
N MET A 71 -1.16 -0.38 17.45
CA MET A 71 0.15 -0.80 17.92
C MET A 71 0.13 -2.29 18.19
N LEU A 72 1.14 -3.00 17.70
CA LEU A 72 1.25 -4.44 17.91
C LEU A 72 2.07 -4.66 19.16
N SER A 73 2.12 -5.92 19.58
CA SER A 73 2.79 -6.30 20.82
C SER A 73 4.28 -5.90 20.84
N CYS A 74 4.91 -5.82 19.68
CA CYS A 74 6.30 -5.41 19.57
C CYS A 74 6.51 -3.89 19.71
N GLY A 75 5.47 -3.07 19.65
CA GLY A 75 5.60 -1.62 19.71
C GLY A 75 5.54 -0.88 18.39
N HIS A 76 5.59 -1.61 17.27
CA HIS A 76 5.35 -1.02 15.95
C HIS A 76 3.86 -0.73 15.69
N ASN A 77 3.65 0.26 14.86
CA ASN A 77 2.36 0.86 14.56
C ASN A 77 2.10 0.77 13.05
N PHE A 78 0.84 0.51 12.69
CA PHE A 78 0.37 0.47 11.29
C PHE A 78 -1.07 0.95 11.28
N CYS A 79 -1.54 1.54 10.18
CA CYS A 79 -2.98 1.82 10.05
C CYS A 79 -3.76 0.53 10.35
N GLU A 80 -4.85 0.64 11.08
CA GLU A 80 -5.69 -0.53 11.35
C GLU A 80 -5.99 -1.32 10.09
N ALA A 81 -6.47 -0.65 9.04
CA ALA A 81 -6.83 -1.28 7.77
C ALA A 81 -5.65 -1.96 7.10
N CYS A 82 -4.47 -1.35 7.22
CA CYS A 82 -3.25 -1.85 6.58
C CYS A 82 -2.80 -3.15 7.22
N ILE A 83 -2.70 -3.19 8.54
CA ILE A 83 -2.23 -4.40 9.20
C ILE A 83 -3.28 -5.53 9.11
N GLN A 84 -4.56 -5.19 9.26
CA GLN A 84 -5.63 -6.18 9.05
C GLN A 84 -5.61 -6.79 7.67
N ASP A 85 -5.42 -5.97 6.62
CA ASP A 85 -5.36 -6.52 5.26
C ASP A 85 -4.09 -7.34 5.04
N PHE A 86 -2.95 -6.88 5.55
CA PHE A 86 -1.69 -7.64 5.52
C PHE A 86 -1.85 -9.03 6.08
N TRP A 87 -2.43 -9.12 7.27
CA TRP A 87 -2.66 -10.40 7.92
C TRP A 87 -3.73 -11.28 7.24
N ARG A 88 -4.81 -10.67 6.80
CA ARG A 88 -5.89 -11.40 6.15
C ARG A 88 -5.42 -11.91 4.79
N LEU A 89 -4.63 -11.11 4.07
CA LEU A 89 -4.35 -11.35 2.66
C LEU A 89 -2.97 -11.88 2.30
N GLN A 90 -1.92 -11.45 2.99
CA GLN A 90 -0.54 -11.73 2.60
C GLN A 90 0.22 -12.68 3.54
N ALA A 91 -0.14 -12.70 4.83
CA ALA A 91 0.67 -13.34 5.86
C ALA A 91 -0.01 -14.56 6.50
N LYS A 92 0.76 -15.65 6.65
CA LYS A 92 0.30 -16.96 7.12
C LYS A 92 0.21 -17.02 8.65
N GLU A 93 0.94 -16.13 9.34
CA GLU A 93 0.82 -15.97 10.79
C GLU A 93 0.76 -14.46 11.05
N THR A 94 0.22 -14.05 12.19
CA THR A 94 0.13 -12.67 12.52
C THR A 94 1.45 -12.10 13.05
N PHE A 95 2.43 -11.93 12.15
CA PHE A 95 3.70 -11.32 12.50
C PHE A 95 3.78 -9.83 12.10
N CYS A 96 4.70 -9.13 12.74
CA CYS A 96 4.94 -7.72 12.43
C CYS A 96 5.74 -7.63 11.13
N PRO A 97 5.21 -6.91 10.13
CA PRO A 97 5.96 -6.69 8.90
C PRO A 97 7.33 -6.03 9.07
N GLU A 98 7.54 -5.23 10.11
CA GLU A 98 8.84 -4.57 10.35
C GLU A 98 9.86 -5.47 10.99
N CYS A 99 9.55 -5.97 12.18
CA CYS A 99 10.51 -6.75 12.99
C CYS A 99 10.30 -8.25 12.93
N LYS A 100 9.23 -8.70 12.28
CA LYS A 100 8.96 -10.14 12.08
C LYS A 100 8.57 -10.90 13.33
N MET A 101 8.40 -10.22 14.47
CA MET A 101 7.99 -10.90 15.69
C MET A 101 6.53 -11.36 15.62
N LEU A 102 6.25 -12.48 16.26
CA LEU A 102 4.93 -13.06 16.26
C LEU A 102 4.07 -12.32 17.29
N CYS A 103 3.16 -11.53 16.77
CA CYS A 103 2.23 -10.79 17.61
C CYS A 103 0.97 -11.63 17.65
N GLN A 104 0.20 -11.51 18.73
CA GLN A 104 -1.16 -12.01 18.71
C GLN A 104 -2.12 -10.87 18.40
N TYR A 105 -3.04 -11.14 17.46
CA TYR A 105 -4.07 -10.18 17.04
C TYR A 105 -4.79 -9.51 18.21
N ASN A 106 -5.22 -10.29 19.19
CA ASN A 106 -5.94 -9.77 20.36
C ASN A 106 -5.14 -8.89 21.31
N ASN A 107 -3.82 -8.84 21.14
CA ASN A 107 -2.99 -7.89 21.89
C ASN A 107 -2.82 -6.51 21.23
N CYS A 108 -3.23 -6.36 19.99
CA CYS A 108 -3.18 -5.07 19.31
C CYS A 108 -4.02 -4.06 20.05
N THR A 109 -3.59 -2.81 20.02
CA THR A 109 -4.28 -1.72 20.67
C THR A 109 -4.25 -0.46 19.79
N PHE A 110 -5.30 0.34 19.85
CA PHE A 110 -5.31 1.62 19.16
C PHE A 110 -4.28 2.53 19.80
N ASN A 111 -3.64 3.37 18.98
CA ASN A 111 -2.64 4.29 19.48
C ASN A 111 -3.13 5.70 19.11
N PRO A 112 -4.13 6.24 19.85
CA PRO A 112 -4.73 7.53 19.47
C PRO A 112 -3.80 8.73 19.48
N VAL A 113 -2.73 8.70 20.29
CA VAL A 113 -1.79 9.83 20.27
C VAL A 113 -1.25 10.07 18.87
N LEU A 114 -1.07 9.00 18.07
CA LEU A 114 -0.53 9.16 16.71
C LEU A 114 -1.50 9.89 15.77
N ASP A 115 -2.78 9.63 15.91
CA ASP A 115 -3.80 10.44 15.17
C ASP A 115 -3.70 11.90 15.48
N LYS A 116 -3.57 12.24 16.76
CA LYS A 116 -3.45 13.64 17.16
C LYS A 116 -2.18 14.31 16.61
N LEU A 117 -1.07 13.58 16.61
CA LEU A 117 0.19 14.11 16.08
C LEU A 117 0.15 14.28 14.57
N VAL A 118 -0.46 13.33 13.86
CA VAL A 118 -0.68 13.45 12.40
C VAL A 118 -1.49 14.71 12.09
N GLU A 119 -2.61 14.89 12.79
CA GLU A 119 -3.47 16.05 12.56
C GLU A 119 -2.69 17.38 12.72
N LYS A 120 -1.87 17.45 13.76
CA LYS A 120 -1.17 18.66 14.10
C LYS A 120 -0.07 18.97 13.13
N ILE A 121 0.74 17.96 12.80
CA ILE A 121 1.91 18.21 11.97
C ILE A 121 1.60 18.49 10.49
N LYS A 122 0.50 17.93 10.00
CA LYS A 122 -0.02 18.32 8.68
C LYS A 122 -0.36 19.79 8.56
N LYS A 123 -0.66 20.42 9.70
CA LYS A 123 -0.93 21.87 9.75
C LYS A 123 0.30 22.71 9.92
N LEU A 124 1.46 22.08 10.04
CA LEU A 124 2.70 22.84 10.25
C LEU A 124 3.17 23.52 8.94
N PRO A 125 3.23 24.86 8.90
CA PRO A 125 3.87 25.52 7.76
C PRO A 125 5.36 25.14 7.65
N LEU A 126 5.84 24.74 6.49
CA LEU A 126 7.24 24.36 6.34
C LEU A 126 7.95 25.62 5.85
N LEU A 127 8.67 26.26 6.75
CA LEU A 127 9.20 27.59 6.43
C LEU A 127 10.60 27.47 5.83
N LYS A 128 11.23 26.31 6.00
CA LYS A 128 12.38 25.92 5.18
C LYS A 128 11.91 24.76 4.34
N GLN B 51 -2.47 14.49 -20.19
CA GLN B 51 -1.79 13.84 -19.03
C GLN B 51 -2.73 12.94 -18.23
N ASP B 52 -3.98 13.38 -18.03
CA ASP B 52 -5.00 12.54 -17.33
C ASP B 52 -5.25 11.24 -18.07
N ILE B 53 -5.40 11.37 -19.38
CA ILE B 53 -5.62 10.22 -20.26
C ILE B 53 -4.45 9.24 -20.18
N THR B 54 -3.24 9.80 -20.18
CA THR B 54 -2.00 9.04 -20.10
C THR B 54 -1.89 8.26 -18.79
N MET B 55 -2.23 8.92 -17.66
CA MET B 55 -2.23 8.25 -16.35
C MET B 55 -3.16 7.04 -16.39
N GLU B 56 -4.32 7.18 -17.04
CA GLU B 56 -5.27 6.06 -17.10
C GLU B 56 -4.80 4.90 -17.93
N LEU B 57 -3.80 5.08 -18.78
CA LEU B 57 -3.28 4.01 -19.61
C LEU B 57 -1.96 3.45 -19.09
N HIS B 58 -1.63 3.80 -17.84
CA HIS B 58 -0.46 3.24 -17.16
C HIS B 58 -0.85 2.20 -16.11
N CYS B 59 -0.19 1.04 -16.15
CA CYS B 59 -0.35 -0.03 -15.17
C CYS B 59 0.14 0.41 -13.80
N PRO B 60 -0.69 0.29 -12.73
CA PRO B 60 -0.20 0.75 -11.42
C PRO B 60 0.90 -0.10 -10.79
N LEU B 61 1.10 -1.34 -11.25
CA LEU B 61 2.15 -2.18 -10.68
C LEU B 61 3.52 -1.78 -11.22
N CYS B 62 3.66 -1.61 -12.53
CA CYS B 62 4.93 -1.23 -13.13
C CYS B 62 5.07 0.27 -13.43
N ASN B 63 3.97 1.03 -13.43
CA ASN B 63 3.97 2.46 -13.85
C ASN B 63 4.45 2.69 -15.29
N ASP B 64 4.28 1.69 -16.16
CA ASP B 64 4.56 1.80 -17.59
C ASP B 64 3.22 1.62 -18.31
N TRP B 65 3.22 1.80 -19.63
CA TRP B 65 2.02 1.60 -20.45
C TRP B 65 1.51 0.17 -20.27
N PHE B 66 0.19 -0.01 -20.16
CA PHE B 66 -0.36 -1.37 -20.15
C PHE B 66 0.19 -2.16 -21.32
N ARG B 67 0.60 -3.40 -21.05
CA ARG B 67 0.92 -4.42 -22.07
C ARG B 67 0.09 -5.68 -21.76
N ASP B 68 -0.72 -6.13 -22.72
CA ASP B 68 -1.68 -7.25 -22.56
C ASP B 68 -2.49 -7.13 -21.23
N PRO B 69 -3.17 -5.99 -21.04
CA PRO B 69 -3.81 -5.73 -19.75
C PRO B 69 -4.93 -6.71 -19.52
N LEU B 70 -5.00 -7.18 -18.27
CA LEU B 70 -6.04 -8.05 -17.78
C LEU B 70 -6.86 -7.18 -16.87
N MET B 71 -8.19 -7.35 -16.95
CA MET B 71 -9.08 -6.74 -16.00
C MET B 71 -9.51 -7.79 -14.96
N LEU B 72 -9.48 -7.41 -13.69
CA LEU B 72 -9.94 -8.29 -12.62
C LEU B 72 -11.42 -8.04 -12.39
N SER B 73 -12.02 -8.90 -11.56
CA SER B 73 -13.44 -8.86 -11.31
C SER B 73 -13.90 -7.53 -10.69
N CYS B 74 -13.01 -6.83 -10.00
CA CYS B 74 -13.33 -5.52 -9.44
C CYS B 74 -13.29 -4.38 -10.47
N GLY B 75 -12.77 -4.59 -11.68
CA GLY B 75 -12.70 -3.53 -12.69
C GLY B 75 -11.32 -2.92 -12.88
N HIS B 76 -10.38 -3.18 -11.96
CA HIS B 76 -9.01 -2.74 -12.13
C HIS B 76 -8.23 -3.56 -13.15
N ASN B 77 -7.27 -2.89 -13.79
CA ASN B 77 -6.49 -3.42 -14.89
C ASN B 77 -5.02 -3.42 -14.52
N PHE B 78 -4.29 -4.44 -14.98
CA PHE B 78 -2.84 -4.59 -14.81
C PHE B 78 -2.28 -5.31 -16.03
N CYS B 79 -1.04 -5.06 -16.40
CA CYS B 79 -0.38 -5.92 -17.41
C CYS B 79 -0.53 -7.37 -16.98
N GLU B 80 -0.81 -8.25 -17.94
CA GLU B 80 -0.85 -9.68 -17.66
C GLU B 80 0.34 -10.15 -16.84
N ALA B 81 1.56 -9.85 -17.30
CA ALA B 81 2.78 -10.30 -16.60
C ALA B 81 2.91 -9.71 -15.19
N CYS B 82 2.45 -8.48 -15.02
CA CYS B 82 2.56 -7.79 -13.75
C CYS B 82 1.65 -8.43 -12.69
N ILE B 83 0.39 -8.66 -13.02
CA ILE B 83 -0.51 -9.28 -12.05
C ILE B 83 -0.15 -10.75 -11.78
N GLN B 84 0.26 -11.49 -12.81
CA GLN B 84 0.75 -12.86 -12.62
C GLN B 84 1.97 -12.92 -11.68
N ASP B 85 2.93 -12.02 -11.87
CA ASP B 85 4.10 -11.99 -10.98
C ASP B 85 3.74 -11.56 -9.56
N PHE B 86 2.86 -10.56 -9.42
CA PHE B 86 2.35 -10.14 -8.12
C PHE B 86 1.73 -11.31 -7.34
N TRP B 87 0.87 -12.05 -7.99
CA TRP B 87 0.21 -13.21 -7.39
C TRP B 87 1.12 -14.38 -7.11
N ARG B 88 2.07 -14.64 -7.99
CA ARG B 88 3.07 -15.69 -7.81
C ARG B 88 3.89 -15.50 -6.53
N LEU B 89 4.26 -14.27 -6.17
CA LEU B 89 5.08 -14.07 -4.95
C LEU B 89 4.39 -13.42 -3.76
N GLN B 90 3.60 -12.38 -4.00
CA GLN B 90 3.19 -11.43 -2.94
C GLN B 90 1.70 -11.49 -2.51
N ALA B 91 1.04 -12.58 -2.87
CA ALA B 91 -0.27 -12.92 -2.36
C ALA B 91 -0.30 -14.33 -1.77
N LYS B 92 -0.94 -14.46 -0.60
CA LYS B 92 -1.51 -15.74 -0.08
C LYS B 92 -2.98 -15.93 -0.58
N GLU B 93 -3.58 -14.87 -1.12
CA GLU B 93 -4.84 -14.95 -1.87
C GLU B 93 -4.65 -14.15 -3.15
N THR B 94 -5.33 -14.48 -4.23
CA THR B 94 -5.26 -13.66 -5.45
C THR B 94 -6.17 -12.42 -5.29
N PHE B 95 -5.67 -11.44 -4.58
CA PHE B 95 -6.40 -10.17 -4.38
C PHE B 95 -5.91 -9.06 -5.33
N CYS B 96 -6.75 -8.04 -5.50
CA CYS B 96 -6.39 -6.89 -6.30
C CYS B 96 -5.45 -6.00 -5.52
N PRO B 97 -4.25 -5.71 -6.06
CA PRO B 97 -3.32 -4.79 -5.40
C PRO B 97 -3.88 -3.41 -5.08
N GLU B 98 -4.85 -2.91 -5.87
CA GLU B 98 -5.41 -1.57 -5.66
C GLU B 98 -6.48 -1.55 -4.57
N CYS B 99 -7.54 -2.33 -4.76
CA CYS B 99 -8.70 -2.30 -3.89
C CYS B 99 -8.75 -3.44 -2.87
N LYS B 100 -7.84 -4.40 -2.99
CA LYS B 100 -7.72 -5.51 -2.05
C LYS B 100 -8.85 -6.54 -2.12
N MET B 101 -9.73 -6.42 -3.09
CA MET B 101 -10.83 -7.40 -3.19
C MET B 101 -10.33 -8.77 -3.70
N LEU B 102 -11.00 -9.80 -3.23
CA LEU B 102 -10.62 -11.19 -3.52
C LEU B 102 -11.09 -11.59 -4.90
N CYS B 103 -10.19 -11.58 -5.85
CA CYS B 103 -10.53 -11.87 -7.25
C CYS B 103 -10.15 -13.32 -7.47
N GLN B 104 -10.85 -14.05 -8.32
CA GLN B 104 -10.39 -15.39 -8.71
C GLN B 104 -9.64 -15.33 -10.03
N TYR B 105 -8.49 -15.99 -10.07
CA TYR B 105 -7.60 -16.05 -11.23
C TYR B 105 -8.33 -16.34 -12.53
N ASN B 106 -9.17 -17.38 -12.52
N ASN B 106 -9.17 -17.37 -12.46
CA ASN B 106 -9.88 -17.80 -13.75
CA ASN B 106 -9.97 -17.87 -13.56
C ASN B 106 -10.97 -16.86 -14.22
C ASN B 106 -10.88 -16.83 -14.22
N ASN B 107 -11.30 -15.85 -13.41
CA ASN B 107 -12.23 -14.81 -13.82
C ASN B 107 -11.58 -13.61 -14.51
N CYS B 108 -10.25 -13.54 -14.54
CA CYS B 108 -9.58 -12.49 -15.27
C CYS B 108 -9.96 -12.50 -16.75
N THR B 109 -9.94 -11.32 -17.34
CA THR B 109 -10.26 -11.16 -18.73
C THR B 109 -9.33 -10.15 -19.39
N PHE B 110 -9.04 -10.33 -20.70
CA PHE B 110 -8.41 -9.26 -21.46
C PHE B 110 -9.38 -8.09 -21.54
N ASN B 111 -8.82 -6.91 -21.62
CA ASN B 111 -9.57 -5.69 -21.84
C ASN B 111 -9.03 -5.14 -23.16
N PRO B 112 -9.49 -5.68 -24.31
CA PRO B 112 -8.85 -5.32 -25.60
C PRO B 112 -8.94 -3.84 -26.00
N VAL B 113 -10.00 -3.15 -25.60
CA VAL B 113 -10.11 -1.73 -25.95
C VAL B 113 -8.91 -0.95 -25.36
N LEU B 114 -8.43 -1.36 -24.20
CA LEU B 114 -7.24 -0.78 -23.55
C LEU B 114 -5.97 -0.93 -24.37
N ASP B 115 -5.76 -2.12 -24.94
CA ASP B 115 -4.63 -2.34 -25.86
C ASP B 115 -4.66 -1.35 -27.00
N LYS B 116 -5.84 -1.18 -27.62
CA LYS B 116 -5.97 -0.28 -28.75
C LYS B 116 -5.68 1.16 -28.37
N LEU B 117 -6.17 1.59 -27.21
CA LEU B 117 -5.94 2.97 -26.75
C LEU B 117 -4.47 3.22 -26.39
N VAL B 118 -3.83 2.25 -25.75
CA VAL B 118 -2.39 2.33 -25.45
C VAL B 118 -1.58 2.47 -26.76
N GLU B 119 -1.85 1.61 -27.72
CA GLU B 119 -1.15 1.65 -29.01
C GLU B 119 -1.27 3.02 -29.69
N LYS B 120 -2.46 3.60 -29.66
CA LYS B 120 -2.71 4.84 -30.35
C LYS B 120 -2.05 6.02 -29.64
N ILE B 121 -2.19 6.08 -28.33
CA ILE B 121 -1.71 7.25 -27.59
C ILE B 121 -0.18 7.38 -27.49
N LYS B 122 0.59 6.28 -27.62
CA LYS B 122 2.05 6.45 -27.77
C LYS B 122 2.39 7.31 -29.02
ZN ZN C . -1.13 2.35 6.42
ZN ZN D . 7.37 -4.95 15.13
ZN ZN E . 2.42 -3.47 -15.64
ZN ZN F . -9.42 -3.75 -7.67
#